data_6VHG
#
_entry.id   6VHG
#
_cell.length_a   97.815
_cell.length_b   97.815
_cell.length_c   143.963
_cell.angle_alpha   90
_cell.angle_beta   90
_cell.angle_gamma   120
#
_symmetry.space_group_name_H-M   'P 63 2 2'
#
loop_
_entity.id
_entity.type
_entity.pdbx_description
1 polymer 'Proto-oncogene tyrosine-protein kinase receptor Ret'
2 non-polymer 3-(3,4-dimethoxyphenyl)-N~5~-(1-methylpiperidin-4-yl)-6-phenylpyrazolo[1,5-a]pyrimidine-5,7-diamine
3 non-polymer 'SULFATE ION'
4 non-polymer 'CHLORIDE ION'
5 non-polymer 'ACETATE ION'
6 water water
#
_entity_poly.entity_id   1
_entity_poly.type   'polypeptide(L)'
_entity_poly.pdbx_seq_one_letter_code
;GASVDAFKILEDPKWEFPRKNLVLGKTLGEGEFGKVVKATAFHLKGRAGYTTVAVKMLKENASPSELRDLLSEFNVLKQV
NHPHVIKLYGACSQDGPLLLIVEYAKYGSLRGFLRESRKVGPGYLGSGGSRNSSSLDHPDERALTMGDLISFAWQISQGM
QYLAEMKLVHRDLAARNILVAEGRKMKISDFGLSRDVYEEDS(PTR)VKRSQGRIPVKWMAIESLFDHI(PTR)TTQSDV
WSFGVLLWEIVTLGGNPYPGIPPERLFNLLKTGHRMERPDNCSEEMYRLMLQCWKQEPDKRPVFADISKDLEKMMVKRR
;
_entity_poly.pdbx_strand_id   A
#
# COMPACT_ATOMS: atom_id res chain seq x y z
N ASP A 5 3.62 7.15 -28.27
CA ASP A 5 3.41 8.31 -27.39
C ASP A 5 2.81 7.91 -26.03
N ALA A 6 3.62 8.01 -24.97
CA ALA A 6 3.19 7.68 -23.60
C ALA A 6 2.22 8.69 -22.97
N PHE A 7 1.99 9.85 -23.62
CA PHE A 7 1.02 10.83 -23.09
C PHE A 7 -0.43 10.50 -23.54
N LYS A 8 -0.57 9.78 -24.67
CA LYS A 8 -1.87 9.42 -25.20
C LYS A 8 -2.50 8.35 -24.33
N ILE A 9 -3.72 8.60 -23.84
CA ILE A 9 -4.42 7.63 -23.00
C ILE A 9 -5.54 7.01 -23.80
N LEU A 10 -5.52 5.68 -23.95
CA LEU A 10 -6.60 5.00 -24.68
C LEU A 10 -7.79 4.87 -23.72
N GLU A 11 -9.00 5.26 -24.16
CA GLU A 11 -10.18 5.20 -23.30
C GLU A 11 -10.66 3.76 -23.07
N ASP A 12 -11.04 3.47 -21.82
CA ASP A 12 -11.56 2.18 -21.42
C ASP A 12 -13.02 2.47 -21.08
N PRO A 13 -13.94 2.02 -21.95
CA PRO A 13 -15.36 2.33 -21.73
C PRO A 13 -15.90 1.83 -20.39
N LYS A 14 -15.37 0.70 -19.89
CA LYS A 14 -15.79 0.08 -18.63
C LYS A 14 -15.52 0.99 -17.40
N TRP A 15 -14.48 1.83 -17.47
CA TRP A 15 -14.10 2.67 -16.35
C TRP A 15 -14.37 4.16 -16.57
N GLU A 16 -14.73 4.59 -17.77
CA GLU A 16 -14.96 6.01 -18.06
C GLU A 16 -16.16 6.59 -17.33
N PHE A 17 -15.97 7.74 -16.70
CA PHE A 17 -16.99 8.40 -15.92
C PHE A 17 -17.16 9.86 -16.36
N PRO A 18 -18.40 10.38 -16.44
CA PRO A 18 -18.56 11.77 -16.89
C PRO A 18 -17.97 12.76 -15.91
N ARG A 19 -17.17 13.68 -16.44
CA ARG A 19 -16.53 14.73 -15.68
C ARG A 19 -17.59 15.62 -14.98
N LYS A 20 -18.71 15.89 -15.68
CA LYS A 20 -19.78 16.73 -15.15
C LYS A 20 -20.55 16.09 -13.99
N ASN A 21 -20.38 14.78 -13.75
CA ASN A 21 -21.02 14.11 -12.61
C ASN A 21 -20.14 14.14 -11.36
N LEU A 22 -18.95 14.74 -11.43
CA LEU A 22 -17.98 14.73 -10.35
C LEU A 22 -17.75 16.13 -9.74
N VAL A 23 -17.98 16.30 -8.41
CA VAL A 23 -17.81 17.58 -7.72
C VAL A 23 -16.48 17.54 -6.96
N LEU A 24 -15.43 18.21 -7.47
CA LEU A 24 -14.14 18.23 -6.78
C LEU A 24 -14.15 19.15 -5.56
N GLY A 25 -13.62 18.63 -4.47
CA GLY A 25 -13.62 19.36 -3.20
C GLY A 25 -12.27 19.64 -2.62
N LYS A 26 -12.21 19.57 -1.28
CA LYS A 26 -10.99 19.90 -0.56
C LYS A 26 -9.87 18.94 -0.84
N THR A 27 -8.64 19.44 -0.74
CA THR A 27 -7.47 18.61 -0.89
C THR A 27 -7.30 17.75 0.37
N LEU A 28 -7.13 16.46 0.19
CA LEU A 28 -6.88 15.53 1.28
C LEU A 28 -5.37 15.47 1.54
N GLY A 29 -4.61 15.41 0.46
CA GLY A 29 -3.16 15.40 0.55
C GLY A 29 -2.51 15.60 -0.79
N GLU A 30 -1.32 16.17 -0.76
CA GLU A 30 -0.53 16.41 -1.95
C GLU A 30 0.92 16.30 -1.56
N GLY A 31 1.68 15.61 -2.38
CA GLY A 31 3.10 15.44 -2.21
C GLY A 31 3.71 14.97 -3.51
N GLU A 32 4.73 14.13 -3.45
CA GLU A 32 5.34 13.55 -4.65
C GLU A 32 4.33 12.70 -5.42
N PHE A 33 3.43 12.03 -4.67
CA PHE A 33 2.44 11.09 -5.17
C PHE A 33 1.44 11.65 -6.17
N GLY A 34 1.20 12.94 -6.07
CA GLY A 34 0.21 13.60 -6.89
C GLY A 34 -0.64 14.46 -5.98
N LYS A 35 -1.92 14.50 -6.27
CA LYS A 35 -2.84 15.30 -5.48
C LYS A 35 -4.13 14.50 -5.31
N VAL A 36 -4.60 14.40 -4.08
CA VAL A 36 -5.80 13.67 -3.76
C VAL A 36 -6.81 14.59 -3.15
N VAL A 37 -8.00 14.65 -3.74
CA VAL A 37 -9.05 15.50 -3.23
C VAL A 37 -10.28 14.66 -2.88
N LYS A 38 -11.10 15.21 -1.95
CA LYS A 38 -12.37 14.62 -1.57
C LYS A 38 -13.37 15.06 -2.65
N ALA A 39 -14.32 14.19 -3.01
CA ALA A 39 -15.29 14.53 -4.05
C ALA A 39 -16.61 13.78 -3.83
N THR A 40 -17.66 14.20 -4.56
CA THR A 40 -18.97 13.59 -4.62
C THR A 40 -19.13 13.19 -6.08
N ALA A 41 -19.53 11.95 -6.35
CA ALA A 41 -19.76 11.48 -7.71
C ALA A 41 -21.23 11.09 -7.83
N PHE A 42 -21.92 11.64 -8.83
CA PHE A 42 -23.34 11.36 -9.06
C PHE A 42 -23.53 10.20 -10.06
N HIS A 43 -24.48 9.29 -9.77
CA HIS A 43 -24.80 8.12 -10.61
C HIS A 43 -23.58 7.24 -10.89
N LEU A 44 -22.80 6.95 -9.87
CA LEU A 44 -21.60 6.13 -10.01
C LEU A 44 -21.96 4.64 -10.02
N LYS A 45 -21.30 3.89 -10.91
CA LYS A 45 -21.46 2.45 -11.14
C LYS A 45 -22.90 1.98 -11.09
N GLY A 46 -23.79 2.73 -11.74
CA GLY A 46 -25.20 2.39 -11.82
C GLY A 46 -26.13 2.89 -10.73
N ARG A 47 -25.61 3.20 -9.51
CA ARG A 47 -26.49 3.60 -8.40
C ARG A 47 -27.25 4.93 -8.65
N ALA A 48 -28.38 5.11 -7.95
CA ALA A 48 -29.29 6.24 -8.15
C ALA A 48 -28.86 7.60 -7.58
N GLY A 49 -28.13 7.63 -6.47
CA GLY A 49 -27.77 8.91 -5.85
C GLY A 49 -26.33 9.33 -6.09
N TYR A 50 -25.69 9.84 -5.02
CA TYR A 50 -24.30 10.27 -5.06
C TYR A 50 -23.44 9.45 -4.09
N THR A 51 -22.14 9.46 -4.29
CA THR A 51 -21.21 8.71 -3.46
C THR A 51 -20.03 9.61 -3.10
N THR A 52 -19.63 9.64 -1.81
CA THR A 52 -18.43 10.37 -1.42
C THR A 52 -17.25 9.50 -1.86
N VAL A 53 -16.30 10.09 -2.61
CA VAL A 53 -15.13 9.39 -3.17
C VAL A 53 -13.87 10.25 -2.96
N ALA A 54 -12.71 9.73 -3.36
CA ALA A 54 -11.45 10.44 -3.42
C ALA A 54 -11.03 10.44 -4.90
N VAL A 55 -10.44 11.55 -5.36
CA VAL A 55 -9.98 11.67 -6.72
C VAL A 55 -8.50 11.96 -6.74
N LYS A 56 -7.73 11.11 -7.41
CA LYS A 56 -6.29 11.33 -7.56
C LYS A 56 -6.03 11.94 -8.94
N MET A 57 -5.14 12.90 -8.98
CA MET A 57 -4.78 13.59 -10.21
C MET A 57 -3.27 13.98 -10.16
N LEU A 58 -2.72 14.34 -11.31
CA LEU A 58 -1.34 14.83 -11.37
C LEU A 58 -1.24 16.21 -10.71
N LYS A 59 -0.07 16.54 -10.13
CA LYS A 59 0.19 17.88 -9.62
C LYS A 59 0.42 18.81 -10.83
N GLU A 60 0.42 20.13 -10.61
CA GLU A 60 0.70 21.09 -11.68
C GLU A 60 2.10 20.90 -12.28
N ASN A 61 3.11 20.59 -11.46
CA ASN A 61 4.47 20.40 -11.94
C ASN A 61 4.78 18.91 -12.19
N ALA A 62 3.76 18.12 -12.59
CA ALA A 62 3.96 16.69 -12.88
C ALA A 62 4.88 16.48 -14.07
N SER A 63 5.70 15.45 -13.93
CA SER A 63 6.67 14.97 -14.91
C SER A 63 6.13 13.72 -15.65
N PRO A 64 6.73 13.33 -16.80
CA PRO A 64 6.24 12.11 -17.49
C PRO A 64 6.23 10.85 -16.62
N SER A 65 7.19 10.71 -15.69
CA SER A 65 7.23 9.52 -14.83
C SER A 65 6.06 9.49 -13.87
N GLU A 66 5.56 10.67 -13.43
CA GLU A 66 4.40 10.74 -12.53
C GLU A 66 3.13 10.31 -13.28
N LEU A 67 3.01 10.69 -14.57
CA LEU A 67 1.89 10.24 -15.41
C LEU A 67 1.99 8.72 -15.61
N ARG A 68 3.19 8.21 -15.87
CA ARG A 68 3.42 6.78 -16.02
C ARG A 68 3.03 6.00 -14.75
N ASP A 69 3.35 6.53 -13.55
CA ASP A 69 2.97 5.87 -12.30
C ASP A 69 1.44 5.96 -12.05
N LEU A 70 0.81 7.09 -12.43
CA LEU A 70 -0.62 7.23 -12.27
C LEU A 70 -1.38 6.24 -13.20
N LEU A 71 -0.93 6.12 -14.45
CA LEU A 71 -1.55 5.19 -15.40
C LEU A 71 -1.35 3.73 -14.95
N SER A 72 -0.17 3.44 -14.41
CA SER A 72 0.18 2.12 -13.92
C SER A 72 -0.69 1.73 -12.68
N GLU A 73 -0.92 2.69 -11.77
CA GLU A 73 -1.76 2.46 -10.61
C GLU A 73 -3.21 2.21 -11.08
N PHE A 74 -3.68 3.02 -12.01
CA PHE A 74 -4.98 2.87 -12.64
C PHE A 74 -5.14 1.43 -13.26
N ASN A 75 -4.14 0.97 -14.06
CA ASN A 75 -4.27 -0.34 -14.69
CA ASN A 75 -4.14 -0.38 -14.69
C ASN A 75 -4.20 -1.50 -13.65
N VAL A 76 -3.44 -1.37 -12.56
CA VAL A 76 -3.42 -2.40 -11.50
C VAL A 76 -4.78 -2.41 -10.77
N LEU A 77 -5.28 -1.24 -10.37
CA LEU A 77 -6.57 -1.14 -9.68
C LEU A 77 -7.74 -1.74 -10.46
N LYS A 78 -7.73 -1.64 -11.79
CA LYS A 78 -8.79 -2.22 -12.63
C LYS A 78 -8.90 -3.73 -12.43
N GLN A 79 -7.82 -4.41 -12.04
CA GLN A 79 -7.81 -5.86 -11.93
C GLN A 79 -8.17 -6.42 -10.57
N VAL A 80 -8.08 -5.63 -9.52
CA VAL A 80 -8.30 -6.12 -8.16
C VAL A 80 -9.59 -5.64 -7.51
N ASN A 81 -10.06 -6.43 -6.55
CA ASN A 81 -11.29 -6.21 -5.82
C ASN A 81 -11.23 -7.02 -4.53
N HIS A 82 -11.07 -6.36 -3.39
CA HIS A 82 -11.01 -7.02 -2.09
C HIS A 82 -11.37 -6.01 -0.98
N PRO A 83 -12.08 -6.44 0.08
CA PRO A 83 -12.44 -5.50 1.16
C PRO A 83 -11.27 -4.78 1.83
N HIS A 84 -10.06 -5.33 1.76
CA HIS A 84 -8.88 -4.66 2.34
C HIS A 84 -7.89 -4.14 1.30
N VAL A 85 -8.42 -3.82 0.13
CA VAL A 85 -7.65 -3.20 -0.95
C VAL A 85 -8.48 -1.99 -1.38
N ILE A 86 -7.85 -0.81 -1.54
CA ILE A 86 -8.54 0.41 -1.98
C ILE A 86 -9.21 0.15 -3.35
N LYS A 87 -10.49 0.50 -3.43
CA LYS A 87 -11.31 0.17 -4.59
C LYS A 87 -11.43 1.29 -5.60
N LEU A 88 -11.16 0.96 -6.87
CA LEU A 88 -11.32 1.90 -7.99
C LEU A 88 -12.80 1.89 -8.39
N TYR A 89 -13.39 3.07 -8.58
CA TYR A 89 -14.77 3.20 -9.02
C TYR A 89 -14.85 3.63 -10.48
N GLY A 90 -13.88 4.41 -10.94
CA GLY A 90 -13.88 4.89 -12.30
C GLY A 90 -12.77 5.88 -12.59
N ALA A 91 -12.87 6.55 -13.75
CA ALA A 91 -11.86 7.53 -14.16
C ALA A 91 -12.36 8.49 -15.23
N CYS A 92 -11.77 9.68 -15.27
CA CYS A 92 -12.03 10.69 -16.30
C CYS A 92 -10.68 10.80 -17.00
N SER A 93 -10.52 10.11 -18.12
CA SER A 93 -9.25 10.10 -18.85
C SER A 93 -9.26 10.93 -20.11
N GLN A 94 -10.44 11.27 -20.64
CA GLN A 94 -10.52 12.03 -21.88
C GLN A 94 -10.88 13.51 -21.67
N ASP A 95 -10.49 14.36 -22.62
CA ASP A 95 -10.79 15.80 -22.66
C ASP A 95 -10.58 16.50 -21.32
N GLY A 96 -9.39 16.34 -20.78
CA GLY A 96 -9.02 16.99 -19.53
C GLY A 96 -8.02 16.18 -18.74
N PRO A 97 -7.67 16.68 -17.55
CA PRO A 97 -6.72 15.95 -16.69
C PRO A 97 -7.21 14.54 -16.35
N LEU A 98 -6.28 13.60 -16.18
CA LEU A 98 -6.63 12.25 -15.82
C LEU A 98 -7.04 12.29 -14.35
N LEU A 99 -8.23 11.77 -14.05
CA LEU A 99 -8.74 11.75 -12.68
C LEU A 99 -9.09 10.32 -12.32
N LEU A 100 -8.60 9.78 -11.20
CA LEU A 100 -8.95 8.42 -10.78
C LEU A 100 -9.91 8.56 -9.62
N ILE A 101 -11.12 7.97 -9.74
CA ILE A 101 -12.19 8.03 -8.76
C ILE A 101 -12.13 6.77 -7.95
N VAL A 102 -11.80 6.92 -6.68
CA VAL A 102 -11.50 5.79 -5.82
C VAL A 102 -12.22 5.86 -4.48
N GLU A 103 -12.34 4.73 -3.79
CA GLU A 103 -12.93 4.57 -2.46
C GLU A 103 -12.36 5.61 -1.48
N TYR A 104 -13.21 6.30 -0.72
CA TYR A 104 -12.74 7.32 0.21
C TYR A 104 -12.41 6.71 1.56
N ALA A 105 -11.20 6.97 2.06
CA ALA A 105 -10.75 6.45 3.35
C ALA A 105 -10.58 7.69 4.26
N LYS A 106 -11.59 7.95 5.07
CA LYS A 106 -11.69 9.15 5.88
C LYS A 106 -10.55 9.38 6.87
N TYR A 107 -9.85 8.34 7.34
CA TYR A 107 -8.78 8.56 8.33
C TYR A 107 -7.41 8.81 7.76
N GLY A 108 -7.28 8.78 6.44
CA GLY A 108 -5.99 8.97 5.79
C GLY A 108 -5.12 7.76 5.98
N SER A 109 -3.80 7.97 5.96
CA SER A 109 -2.85 6.88 6.08
C SER A 109 -2.81 6.25 7.46
N LEU A 110 -2.44 4.97 7.49
CA LEU A 110 -2.29 4.22 8.72
C LEU A 110 -1.16 4.83 9.58
N ARG A 111 -0.09 5.32 8.97
CA ARG A 111 1.00 5.95 9.72
C ARG A 111 0.50 7.16 10.52
N GLY A 112 -0.20 8.08 9.84
CA GLY A 112 -0.78 9.24 10.51
C GLY A 112 -1.82 8.84 11.52
N PHE A 113 -2.66 7.86 11.19
CA PHE A 113 -3.71 7.39 12.10
C PHE A 113 -3.11 6.88 13.41
N LEU A 114 -2.05 6.05 13.31
CA LEU A 114 -1.36 5.47 14.46
C LEU A 114 -0.65 6.57 15.26
N ARG A 115 0.01 7.50 14.57
CA ARG A 115 0.73 8.60 15.22
C ARG A 115 -0.20 9.52 16.01
N GLU A 116 -1.37 9.79 15.45
CA GLU A 116 -2.38 10.62 16.10
C GLU A 116 -2.97 9.94 17.37
N SER A 117 -2.88 8.61 17.44
CA SER A 117 -3.42 7.85 18.57
C SER A 117 -2.44 7.73 19.76
N ARG A 118 -1.28 8.42 19.70
CA ARG A 118 -0.29 8.44 20.76
C ARG A 118 -0.66 9.38 21.92
N ARG A 142 -6.91 9.55 20.77
CA ARG A 142 -7.47 8.31 20.20
C ARG A 142 -6.90 7.06 20.90
N ALA A 143 -7.77 6.30 21.59
CA ALA A 143 -7.33 5.11 22.31
C ALA A 143 -7.35 3.83 21.46
N LEU A 144 -6.18 3.18 21.32
CA LEU A 144 -6.06 1.92 20.59
C LEU A 144 -5.52 0.83 21.52
N THR A 145 -6.07 -0.38 21.45
CA THR A 145 -5.56 -1.50 22.25
C THR A 145 -4.62 -2.39 21.39
N MET A 146 -3.95 -3.39 22.02
CA MET A 146 -3.13 -4.34 21.27
C MET A 146 -4.01 -5.16 20.31
N GLY A 147 -5.25 -5.47 20.72
CA GLY A 147 -6.24 -6.16 19.91
C GLY A 147 -6.50 -5.40 18.62
N ASP A 148 -6.71 -4.06 18.73
CA ASP A 148 -6.89 -3.20 17.55
C ASP A 148 -5.70 -3.33 16.59
N LEU A 149 -4.47 -3.26 17.14
CA LEU A 149 -3.24 -3.37 16.36
C LEU A 149 -3.10 -4.70 15.66
N ILE A 150 -3.43 -5.82 16.35
CA ILE A 150 -3.37 -7.14 15.74
C ILE A 150 -4.43 -7.24 14.63
N SER A 151 -5.63 -6.70 14.87
CA SER A 151 -6.70 -6.71 13.87
C SER A 151 -6.31 -5.92 12.62
N PHE A 152 -5.60 -4.79 12.79
CA PHE A 152 -5.13 -3.99 11.65
C PHE A 152 -4.14 -4.82 10.84
N ALA A 153 -3.18 -5.46 11.52
CA ALA A 153 -2.16 -6.26 10.85
C ALA A 153 -2.80 -7.43 10.09
N TRP A 154 -3.83 -8.05 10.70
CA TRP A 154 -4.56 -9.18 10.15
C TRP A 154 -5.35 -8.78 8.93
N GLN A 155 -6.01 -7.62 8.96
CA GLN A 155 -6.74 -7.11 7.79
C GLN A 155 -5.78 -6.91 6.59
N ILE A 156 -4.60 -6.33 6.85
CA ILE A 156 -3.60 -6.09 5.82
C ILE A 156 -3.08 -7.41 5.23
N SER A 157 -2.82 -8.42 6.09
CA SER A 157 -2.34 -9.72 5.67
C SER A 157 -3.37 -10.45 4.75
N GLN A 158 -4.68 -10.30 5.03
CA GLN A 158 -5.71 -10.86 4.18
C GLN A 158 -5.68 -10.18 2.80
N GLY A 159 -5.47 -8.87 2.77
CA GLY A 159 -5.38 -8.14 1.51
C GLY A 159 -4.16 -8.60 0.73
N MET A 160 -3.02 -8.76 1.43
CA MET A 160 -1.76 -9.20 0.82
C MET A 160 -1.83 -10.59 0.28
N GLN A 161 -2.54 -11.48 1.00
CA GLN A 161 -2.77 -12.84 0.64
C GLN A 161 -3.59 -12.92 -0.67
N TYR A 162 -4.61 -12.06 -0.78
CA TYR A 162 -5.44 -12.00 -1.97
C TYR A 162 -4.59 -11.44 -3.15
N LEU A 163 -3.79 -10.41 -2.90
CA LEU A 163 -2.94 -9.82 -3.92
C LEU A 163 -1.88 -10.82 -4.44
N ALA A 164 -1.35 -11.69 -3.56
CA ALA A 164 -0.36 -12.71 -3.95
C ALA A 164 -1.03 -13.78 -4.83
N GLU A 165 -2.32 -14.08 -4.59
CA GLU A 165 -3.02 -15.02 -5.45
C GLU A 165 -3.40 -14.34 -6.79
N MET A 166 -3.51 -13.02 -6.83
CA MET A 166 -3.71 -12.28 -8.07
C MET A 166 -2.39 -12.10 -8.87
N LYS A 167 -1.27 -12.72 -8.41
CA LYS A 167 0.06 -12.70 -9.02
C LYS A 167 0.69 -11.31 -9.02
N LEU A 168 0.47 -10.56 -7.94
CA LEU A 168 1.00 -9.21 -7.83
C LEU A 168 2.04 -9.12 -6.75
N VAL A 169 3.06 -8.34 -7.02
CA VAL A 169 4.10 -8.02 -6.05
C VAL A 169 3.94 -6.52 -5.82
N HIS A 170 3.53 -6.16 -4.61
CA HIS A 170 3.27 -4.81 -4.18
C HIS A 170 4.51 -3.92 -4.13
N ARG A 171 5.60 -4.41 -3.52
CA ARG A 171 6.89 -3.72 -3.42
C ARG A 171 6.94 -2.53 -2.44
N ASP A 172 5.86 -1.74 -2.32
CA ASP A 172 5.87 -0.59 -1.43
C ASP A 172 4.92 -0.74 -0.22
N LEU A 173 4.80 -1.94 0.36
CA LEU A 173 3.98 -2.12 1.55
C LEU A 173 4.68 -1.39 2.71
N ALA A 174 3.96 -0.47 3.38
CA ALA A 174 4.42 0.36 4.48
C ALA A 174 3.22 1.10 5.04
N ALA A 175 3.28 1.54 6.31
CA ALA A 175 2.16 2.22 6.95
C ALA A 175 1.77 3.53 6.27
N ARG A 176 2.74 4.23 5.60
CA ARG A 176 2.48 5.44 4.81
C ARG A 176 1.59 5.15 3.58
N ASN A 177 1.66 3.91 3.08
CA ASN A 177 1.01 3.43 1.87
C ASN A 177 -0.21 2.54 2.12
N ILE A 178 -0.82 2.66 3.29
CA ILE A 178 -2.03 1.95 3.65
C ILE A 178 -3.00 3.02 4.17
N LEU A 179 -4.26 2.90 3.80
CA LEU A 179 -5.31 3.84 4.21
C LEU A 179 -6.22 3.22 5.27
N VAL A 180 -6.85 4.08 6.08
CA VAL A 180 -7.79 3.72 7.14
C VAL A 180 -9.13 4.33 6.77
N ALA A 181 -10.09 3.50 6.41
CA ALA A 181 -11.42 3.91 5.97
C ALA A 181 -12.47 3.81 7.15
N GLU A 182 -13.76 4.23 6.90
CA GLU A 182 -14.90 4.13 7.84
C GLU A 182 -14.88 2.79 8.57
N GLY A 183 -15.05 2.85 9.88
CA GLY A 183 -15.02 1.67 10.72
C GLY A 183 -13.62 1.16 11.00
N ARG A 184 -12.57 2.00 10.77
CA ARG A 184 -11.16 1.64 11.01
C ARG A 184 -10.77 0.41 10.21
N LYS A 185 -11.15 0.39 8.93
CA LYS A 185 -10.84 -0.73 8.05
C LYS A 185 -9.63 -0.41 7.19
N MET A 186 -8.67 -1.35 7.15
CA MET A 186 -7.44 -1.18 6.40
C MET A 186 -7.71 -1.36 4.90
N LYS A 187 -7.11 -0.49 4.09
CA LYS A 187 -7.20 -0.53 2.64
C LYS A 187 -5.78 -0.36 2.14
N ILE A 188 -5.20 -1.42 1.57
CA ILE A 188 -3.89 -1.36 0.94
C ILE A 188 -4.04 -0.46 -0.28
N SER A 189 -3.10 0.48 -0.42
CA SER A 189 -3.16 1.50 -1.44
C SER A 189 -1.81 1.62 -2.19
N ASP A 190 -1.66 2.66 -3.03
CA ASP A 190 -0.42 3.00 -3.74
C ASP A 190 0.12 1.87 -4.61
N PHE A 191 -0.61 1.54 -5.66
CA PHE A 191 -0.27 0.45 -6.58
C PHE A 191 0.61 0.84 -7.79
N GLY A 192 1.12 2.08 -7.84
CA GLY A 192 1.96 2.55 -8.94
C GLY A 192 3.29 1.85 -9.12
N LEU A 193 3.85 1.25 -8.04
CA LEU A 193 5.12 0.51 -8.08
C LEU A 193 4.92 -1.04 -8.12
N SER A 194 3.67 -1.49 -8.21
CA SER A 194 3.27 -2.88 -8.26
C SER A 194 3.76 -3.52 -9.54
N ARG A 195 4.17 -4.79 -9.45
CA ARG A 195 4.64 -5.56 -10.59
C ARG A 195 4.00 -6.96 -10.63
N ASP A 196 4.00 -7.61 -11.79
CA ASP A 196 3.51 -9.00 -11.89
C ASP A 196 4.63 -9.94 -11.43
N VAL A 197 4.29 -11.11 -10.85
CA VAL A 197 5.35 -12.06 -10.44
C VAL A 197 6.06 -12.57 -11.70
N TYR A 198 5.33 -12.79 -12.81
CA TYR A 198 5.96 -13.15 -14.07
C TYR A 198 5.79 -11.94 -15.02
N GLU A 199 6.90 -11.27 -15.42
CA GLU A 199 6.86 -10.11 -16.33
C GLU A 199 6.20 -10.51 -17.65
N GLU A 200 5.08 -9.84 -18.03
CA GLU A 200 4.37 -10.19 -19.25
C GLU A 200 4.88 -9.46 -20.51
N ASP A 201 5.46 -8.26 -20.37
CA ASP A 201 5.93 -7.50 -21.54
C ASP A 201 7.28 -7.93 -22.08
N SER A 202 7.43 -7.86 -23.40
CA SER A 202 8.66 -8.19 -24.12
C SER A 202 9.73 -7.18 -23.79
N VAL A 204 10.39 -4.03 -20.88
CA VAL A 204 9.94 -3.21 -19.76
C VAL A 204 11.05 -2.28 -19.26
N LYS A 205 10.77 -0.97 -19.19
CA LYS A 205 11.78 0.00 -18.72
C LYS A 205 11.59 0.22 -17.23
N ARG A 206 12.44 -0.41 -16.39
CA ARG A 206 12.30 -0.31 -14.94
C ARG A 206 12.75 1.03 -14.37
N SER A 207 11.95 1.58 -13.46
CA SER A 207 12.29 2.81 -12.75
C SER A 207 13.11 2.34 -11.53
N GLN A 208 14.45 2.43 -11.62
CA GLN A 208 15.35 1.95 -10.59
C GLN A 208 15.36 2.73 -9.25
N GLY A 209 15.50 2.00 -8.15
CA GLY A 209 15.61 2.50 -6.78
C GLY A 209 14.48 3.37 -6.26
N ARG A 210 13.23 2.94 -6.45
CA ARG A 210 12.09 3.73 -6.00
C ARG A 210 11.49 3.31 -4.66
N ILE A 211 11.95 2.21 -4.08
CA ILE A 211 11.40 1.70 -2.83
C ILE A 211 12.22 2.19 -1.63
N PRO A 212 11.59 2.67 -0.54
CA PRO A 212 12.35 3.07 0.66
C PRO A 212 13.30 1.95 1.14
N VAL A 213 14.59 2.30 1.27
CA VAL A 213 15.69 1.44 1.70
C VAL A 213 15.34 0.61 2.95
N LYS A 214 14.76 1.27 3.98
CA LYS A 214 14.40 0.62 5.24
C LYS A 214 13.24 -0.37 5.15
N TRP A 215 12.51 -0.39 4.04
CA TRP A 215 11.43 -1.36 3.84
C TRP A 215 11.83 -2.47 2.81
N MET A 216 13.05 -2.39 2.23
CA MET A 216 13.55 -3.34 1.25
C MET A 216 14.14 -4.57 1.89
N ALA A 217 13.76 -5.75 1.36
CA ALA A 217 14.32 -7.02 1.78
C ALA A 217 15.79 -7.07 1.38
N ILE A 218 16.59 -7.92 2.04
CA ILE A 218 18.02 -8.05 1.76
C ILE A 218 18.33 -8.34 0.27
N GLU A 219 17.59 -9.26 -0.36
CA GLU A 219 17.78 -9.62 -1.77
C GLU A 219 17.39 -8.47 -2.74
N SER A 220 16.50 -7.56 -2.30
CA SER A 220 16.13 -6.41 -3.12
C SER A 220 17.29 -5.39 -3.09
N LEU A 221 17.89 -5.18 -1.91
CA LEU A 221 19.04 -4.30 -1.72
C LEU A 221 20.26 -4.77 -2.50
N PHE A 222 20.58 -6.08 -2.50
CA PHE A 222 21.76 -6.55 -3.22
C PHE A 222 21.51 -6.89 -4.69
N ASP A 223 20.38 -7.56 -5.01
CA ASP A 223 20.16 -8.04 -6.37
C ASP A 223 18.97 -7.45 -7.12
N HIS A 224 18.27 -6.45 -6.56
CA HIS A 224 17.10 -5.85 -7.20
C HIS A 224 15.95 -6.85 -7.37
N ILE A 225 15.88 -7.87 -6.51
CA ILE A 225 14.88 -8.93 -6.62
C ILE A 225 13.64 -8.60 -5.83
N THR A 227 9.88 -10.21 -5.02
CA THR A 227 8.91 -11.31 -5.09
C THR A 227 7.86 -11.12 -3.94
N THR A 228 6.87 -12.03 -3.86
CA THR A 228 5.91 -12.09 -2.77
C THR A 228 6.64 -12.30 -1.43
N GLN A 229 7.84 -12.94 -1.45
CA GLN A 229 8.61 -13.12 -0.22
C GLN A 229 9.29 -11.82 0.22
N SER A 230 9.63 -10.91 -0.70
CA SER A 230 10.15 -9.59 -0.29
C SER A 230 8.99 -8.68 0.24
N ASP A 231 7.74 -8.93 -0.22
CA ASP A 231 6.56 -8.25 0.33
C ASP A 231 6.35 -8.73 1.80
N VAL A 232 6.67 -10.02 2.10
CA VAL A 232 6.61 -10.56 3.45
C VAL A 232 7.64 -9.83 4.36
N TRP A 233 8.87 -9.61 3.85
CA TRP A 233 9.86 -8.84 4.59
C TRP A 233 9.31 -7.41 4.88
N SER A 234 8.74 -6.73 3.87
CA SER A 234 8.13 -5.41 4.08
C SER A 234 6.97 -5.49 5.10
N PHE A 235 6.16 -6.56 5.07
CA PHE A 235 5.09 -6.76 6.05
C PHE A 235 5.68 -6.82 7.48
N GLY A 236 6.88 -7.39 7.62
CA GLY A 236 7.60 -7.43 8.88
C GLY A 236 7.89 -6.02 9.38
N VAL A 237 8.36 -5.14 8.49
CA VAL A 237 8.64 -3.75 8.85
C VAL A 237 7.32 -3.04 9.21
N LEU A 238 6.28 -3.27 8.44
CA LEU A 238 4.94 -2.74 8.70
C LEU A 238 4.43 -3.20 10.09
N LEU A 239 4.67 -4.45 10.50
CA LEU A 239 4.29 -4.98 11.83
C LEU A 239 4.94 -4.15 12.92
N TRP A 240 6.23 -3.85 12.74
CA TRP A 240 7.00 -3.04 13.66
C TRP A 240 6.42 -1.63 13.73
N GLU A 241 6.01 -1.06 12.56
CA GLU A 241 5.40 0.28 12.50
C GLU A 241 4.07 0.28 13.25
N ILE A 242 3.27 -0.78 13.11
CA ILE A 242 1.98 -0.86 13.77
C ILE A 242 2.12 -0.95 15.29
N VAL A 243 3.00 -1.81 15.73
CA VAL A 243 3.25 -2.06 17.14
C VAL A 243 3.87 -0.83 17.85
N THR A 244 4.66 -0.02 17.13
CA THR A 244 5.23 1.20 17.71
C THR A 244 4.34 2.46 17.43
N LEU A 245 3.10 2.28 16.95
CA LEU A 245 2.18 3.37 16.64
C LEU A 245 2.79 4.41 15.68
N GLY A 246 3.33 3.95 14.57
CA GLY A 246 3.91 4.80 13.54
C GLY A 246 5.33 5.22 13.84
N GLY A 247 6.09 4.33 14.46
CA GLY A 247 7.49 4.59 14.76
C GLY A 247 8.35 4.56 13.51
N ASN A 248 9.57 5.10 13.60
CA ASN A 248 10.50 5.15 12.49
C ASN A 248 11.53 4.01 12.57
N PRO A 249 11.50 3.04 11.62
CA PRO A 249 12.49 1.94 11.69
C PRO A 249 13.93 2.39 11.52
N TYR A 250 14.86 1.67 12.18
CA TYR A 250 16.30 1.93 12.15
C TYR A 250 16.65 3.42 12.24
N PRO A 251 16.25 4.11 13.32
CA PRO A 251 16.54 5.56 13.42
C PRO A 251 18.02 5.92 13.26
N GLY A 252 18.31 6.84 12.35
CA GLY A 252 19.66 7.35 12.12
C GLY A 252 20.67 6.43 11.45
N ILE A 253 20.22 5.26 10.94
CA ILE A 253 21.13 4.33 10.26
C ILE A 253 21.16 4.63 8.75
N PRO A 254 22.34 5.06 8.23
CA PRO A 254 22.42 5.37 6.81
C PRO A 254 22.33 4.13 5.92
N PRO A 255 21.87 4.27 4.65
CA PRO A 255 21.73 3.08 3.77
C PRO A 255 22.91 2.10 3.75
N GLU A 256 24.15 2.60 3.72
CA GLU A 256 25.33 1.73 3.71
C GLU A 256 25.45 0.88 4.99
N ARG A 257 25.34 1.50 6.17
CA ARG A 257 25.44 0.77 7.43
C ARG A 257 24.25 -0.19 7.57
N LEU A 258 23.05 0.23 7.14
CA LEU A 258 21.85 -0.61 7.21
C LEU A 258 22.05 -1.88 6.40
N PHE A 259 22.56 -1.74 5.17
CA PHE A 259 22.82 -2.87 4.31
C PHE A 259 23.86 -3.84 4.92
N ASN A 260 24.98 -3.33 5.50
CA ASN A 260 26.00 -4.16 6.12
C ASN A 260 25.46 -4.89 7.34
N LEU A 261 24.63 -4.21 8.14
CA LEU A 261 24.05 -4.78 9.34
C LEU A 261 23.08 -5.91 8.95
N LEU A 262 22.28 -5.72 7.90
CA LEU A 262 21.35 -6.77 7.47
C LEU A 262 22.10 -7.99 6.90
N LYS A 263 23.21 -7.75 6.22
CA LYS A 263 24.07 -8.78 5.63
C LYS A 263 24.68 -9.67 6.72
N THR A 264 25.05 -9.07 7.86
CA THR A 264 25.66 -9.83 8.95
C THR A 264 24.63 -10.31 10.00
N GLY A 265 23.37 -10.46 9.58
CA GLY A 265 22.30 -11.00 10.42
C GLY A 265 21.67 -10.12 11.46
N HIS A 266 22.07 -8.84 11.56
CA HIS A 266 21.47 -7.94 12.53
C HIS A 266 20.06 -7.51 12.11
N ARG A 267 19.13 -7.48 13.07
CA ARG A 267 17.73 -7.09 12.88
C ARG A 267 17.26 -6.14 14.01
N MET A 268 16.13 -5.45 13.82
CA MET A 268 15.59 -4.56 14.84
C MET A 268 15.24 -5.31 16.10
N GLU A 269 15.58 -4.75 17.27
CA GLU A 269 15.29 -5.39 18.55
C GLU A 269 13.78 -5.31 18.87
N ARG A 270 13.31 -6.14 19.80
CA ARG A 270 11.90 -6.18 20.20
C ARG A 270 11.51 -4.85 20.83
N PRO A 271 10.57 -4.12 20.21
CA PRO A 271 10.17 -2.83 20.79
C PRO A 271 9.25 -2.99 21.99
N ASP A 272 9.14 -1.95 22.84
CA ASP A 272 8.24 -2.03 23.98
C ASP A 272 6.79 -2.04 23.49
N ASN A 273 5.93 -2.74 24.23
CA ASN A 273 4.53 -2.89 23.90
C ASN A 273 4.38 -3.71 22.61
N CYS A 274 5.06 -4.88 22.60
CA CYS A 274 5.06 -5.89 21.53
C CYS A 274 5.19 -7.23 22.22
N SER A 275 4.29 -8.18 21.95
CA SER A 275 4.36 -9.50 22.55
C SER A 275 5.51 -10.32 21.92
N GLU A 276 5.99 -11.35 22.64
CA GLU A 276 7.08 -12.21 22.18
C GLU A 276 6.69 -12.93 20.88
N GLU A 277 5.43 -13.37 20.80
CA GLU A 277 4.86 -14.07 19.65
C GLU A 277 4.80 -13.16 18.44
N MET A 278 4.48 -11.87 18.64
CA MET A 278 4.44 -10.88 17.56
C MET A 278 5.84 -10.56 17.06
N TYR A 279 6.82 -10.44 17.97
CA TYR A 279 8.21 -10.18 17.59
C TYR A 279 8.81 -11.40 16.84
N ARG A 280 8.39 -12.61 17.21
CA ARG A 280 8.84 -13.83 16.56
C ARG A 280 8.38 -13.83 15.09
N LEU A 281 7.12 -13.43 14.86
CA LEU A 281 6.57 -13.33 13.50
C LEU A 281 7.37 -12.31 12.68
N MET A 282 7.79 -11.17 13.29
CA MET A 282 8.61 -10.14 12.63
C MET A 282 9.93 -10.77 12.17
N LEU A 283 10.63 -11.49 13.09
CA LEU A 283 11.90 -12.13 12.79
C LEU A 283 11.77 -13.13 11.65
N GLN A 284 10.67 -13.91 11.61
CA GLN A 284 10.38 -14.88 10.53
C GLN A 284 10.23 -14.16 9.19
N CYS A 285 9.61 -12.97 9.18
CA CYS A 285 9.45 -12.15 7.96
C CYS A 285 10.82 -11.64 7.46
N TRP A 286 11.77 -11.44 8.38
CA TRP A 286 13.09 -10.92 8.05
C TRP A 286 14.17 -11.98 7.91
N LYS A 287 13.79 -13.25 7.71
CA LYS A 287 14.78 -14.31 7.52
C LYS A 287 15.56 -14.04 6.23
N GLN A 288 16.88 -14.23 6.27
CA GLN A 288 17.80 -14.00 5.15
C GLN A 288 17.35 -14.71 3.88
N GLU A 289 16.93 -15.97 4.01
CA GLU A 289 16.51 -16.76 2.88
C GLU A 289 15.03 -16.56 2.63
N PRO A 290 14.67 -16.03 1.44
CA PRO A 290 13.25 -15.77 1.14
C PRO A 290 12.28 -16.94 1.39
N ASP A 291 12.62 -18.17 0.92
CA ASP A 291 11.71 -19.30 1.09
C ASP A 291 11.58 -19.78 2.55
N LYS A 292 12.43 -19.27 3.46
CA LYS A 292 12.33 -19.60 4.88
C LYS A 292 11.33 -18.67 5.63
N ARG A 293 10.88 -17.60 4.97
CA ARG A 293 9.90 -16.70 5.53
C ARG A 293 8.51 -17.35 5.37
N PRO A 294 7.54 -16.94 6.20
CA PRO A 294 6.20 -17.46 6.02
C PRO A 294 5.52 -16.88 4.77
N VAL A 295 4.48 -17.56 4.29
CA VAL A 295 3.68 -17.04 3.19
C VAL A 295 2.47 -16.28 3.79
N PHE A 296 1.87 -15.34 3.05
CA PHE A 296 0.74 -14.55 3.58
C PHE A 296 -0.44 -15.41 4.12
N ALA A 297 -0.71 -16.61 3.55
CA ALA A 297 -1.78 -17.47 4.06
C ALA A 297 -1.46 -17.94 5.50
N ASP A 298 -0.16 -18.19 5.79
CA ASP A 298 0.30 -18.61 7.12
C ASP A 298 0.21 -17.43 8.09
N ILE A 299 0.66 -16.23 7.66
CA ILE A 299 0.63 -15.00 8.45
C ILE A 299 -0.80 -14.64 8.87
N SER A 300 -1.77 -14.77 7.96
CA SER A 300 -3.17 -14.47 8.29
C SER A 300 -3.72 -15.39 9.36
N LYS A 301 -3.36 -16.68 9.32
CA LYS A 301 -3.79 -17.63 10.34
C LYS A 301 -3.07 -17.34 11.66
N ASP A 302 -1.78 -16.99 11.60
CA ASP A 302 -0.99 -16.64 12.78
C ASP A 302 -1.62 -15.45 13.50
N LEU A 303 -2.01 -14.41 12.76
CA LEU A 303 -2.62 -13.19 13.30
C LEU A 303 -4.03 -13.44 13.78
N GLU A 304 -4.79 -14.28 13.08
CA GLU A 304 -6.15 -14.62 13.49
C GLU A 304 -6.11 -15.35 14.84
N LYS A 305 -5.14 -16.28 15.03
CA LYS A 305 -5.01 -17.01 16.31
C LYS A 305 -4.68 -16.05 17.44
N MET A 306 -3.79 -15.07 17.16
CA MET A 306 -3.38 -14.03 18.12
C MET A 306 -4.57 -13.17 18.55
N MET A 307 -5.49 -12.89 17.60
CA MET A 307 -6.71 -12.12 17.85
C MET A 307 -7.68 -12.91 18.72
N VAL A 308 -7.95 -14.17 18.35
CA VAL A 308 -8.93 -14.97 19.07
C VAL A 308 -8.42 -15.45 20.43
N LYS A 309 -7.10 -15.47 20.68
CA LYS A 309 -6.54 -15.87 21.98
C LYS A 309 -7.08 -14.95 23.09
N ARG A 310 -7.23 -13.66 22.78
CA ARG A 310 -7.76 -12.65 23.69
C ARG A 310 -9.29 -12.69 23.66
#